data_9HDG
#
_entry.id   9HDG
#
_cell.length_a   46.332
_cell.length_b   53.655
_cell.length_c   70.929
_cell.angle_alpha   90.000
_cell.angle_beta   90.000
_cell.angle_gamma   90.000
#
_symmetry.space_group_name_H-M   'P 21 21 21'
#
loop_
_entity.id
_entity.type
_entity.pdbx_description
1 polymer 'AA11 family lytic polysaccharide monooxygenase B'
2 non-polymer 'COPPER (II) ION'
3 non-polymer 'ASCORBIC ACID'
4 non-polymer 2-acetamido-2-deoxy-beta-D-glucopyranose
5 non-polymer 'SULFATE ION'
6 water water
#
_entity_poly.entity_id   1
_entity_poly.type   'polypeptide(L)'
_entity_poly.pdbx_seq_one_letter_code
;HMKMRQPTPYSDSSLNNSPLAADGSDFPCKLRDNAFVPPSQETIAQIGEVMPLTFTGSATHGGGSCQVSLTTDLKPSKDS
KWMVIKSIEGGCPANVDGNMSGGADVPDPFEFNYTIPAGIEPGKYTLAWTWFNRIGNREMYMNCAPITVTAGSSKRDAAP
VAEKVEVEKRSANFPAMFVANINGCTTKEGVDIRFPDPGDVVEYDGNPSNLQPAGEAAC
;
_entity_poly.pdbx_strand_id   A
#
# COMPACT_ATOMS: atom_id res chain seq x y z
N HIS A 1 -11.10 1.33 -5.85
CA HIS A 1 -11.64 0.42 -4.84
C HIS A 1 -11.01 -0.96 -4.93
N MET A 2 -10.02 -1.17 -4.07
CA MET A 2 -9.23 -2.39 -4.04
C MET A 2 -8.87 -2.68 -2.58
N LYS A 3 -8.51 -3.92 -2.31
CA LYS A 3 -7.96 -4.28 -1.00
C LYS A 3 -6.82 -5.28 -1.15
N MET A 4 -5.91 -5.26 -0.19
CA MET A 4 -4.81 -6.20 -0.12
C MET A 4 -5.36 -7.58 0.22
N ARG A 5 -4.89 -8.59 -0.50
CA ARG A 5 -5.25 -9.99 -0.26
C ARG A 5 -4.13 -10.74 0.45
N GLN A 6 -2.89 -10.58 -0.03
N GLN A 6 -2.89 -10.56 0.00
CA GLN A 6 -1.72 -11.10 0.66
CA GLN A 6 -1.71 -11.09 0.63
C GLN A 6 -0.69 -9.99 0.75
C GLN A 6 -0.69 -9.97 0.75
N PRO A 7 -0.06 -9.80 1.92
CA PRO A 7 -0.29 -10.55 3.16
C PRO A 7 -1.68 -10.26 3.69
N THR A 8 -2.25 -11.23 4.40
CA THR A 8 -3.64 -11.13 4.86
C THR A 8 -3.79 -9.96 5.84
N PRO A 9 -4.68 -9.02 5.59
CA PRO A 9 -4.83 -7.86 6.48
C PRO A 9 -5.43 -8.23 7.83
N TYR A 10 -5.19 -7.35 8.80
CA TYR A 10 -5.96 -7.38 10.04
C TYR A 10 -7.45 -7.28 9.72
N SER A 11 -8.25 -7.96 10.54
CA SER A 11 -9.71 -7.78 10.54
C SER A 11 -10.26 -7.79 9.12
N ASP A 12 -9.89 -8.80 8.35
CA ASP A 12 -10.24 -8.80 6.94
C ASP A 12 -11.75 -8.80 6.72
N SER A 13 -12.51 -9.40 7.62
CA SER A 13 -13.95 -9.52 7.41
C SER A 13 -14.69 -8.19 7.49
N SER A 14 -14.10 -7.16 8.10
CA SER A 14 -14.69 -5.83 8.14
C SER A 14 -13.93 -4.84 7.28
N LEU A 15 -12.94 -5.29 6.54
CA LEU A 15 -12.12 -4.43 5.69
C LEU A 15 -12.79 -4.28 4.34
N ASN A 16 -13.12 -3.04 3.97
CA ASN A 16 -13.74 -2.79 2.67
C ASN A 16 -12.74 -2.20 1.69
N ASN A 17 -13.22 -1.95 0.46
N ASN A 17 -13.18 -1.93 0.46
CA ASN A 17 -12.42 -1.45 -0.67
CA ASN A 17 -12.28 -1.45 -0.57
C ASN A 17 -12.21 0.05 -0.66
C ASN A 17 -12.37 0.06 -0.77
N SER A 18 -12.90 0.79 0.21
CA SER A 18 -12.92 2.24 0.11
C SER A 18 -11.56 2.87 0.46
N PRO A 19 -11.26 4.02 -0.15
CA PRO A 19 -10.04 4.74 0.22
C PRO A 19 -10.17 5.30 1.63
N LEU A 20 -9.03 5.74 2.16
CA LEU A 20 -9.03 6.46 3.42
C LEU A 20 -9.95 7.68 3.33
N ALA A 21 -10.59 8.01 4.44
CA ALA A 21 -11.37 9.23 4.50
C ALA A 21 -10.53 10.43 4.10
N ALA A 22 -11.12 11.30 3.26
CA ALA A 22 -10.38 12.43 2.71
C ALA A 22 -9.92 13.39 3.80
N ASP A 23 -10.55 13.35 4.96
CA ASP A 23 -10.18 14.24 6.05
C ASP A 23 -9.06 13.69 6.94
N GLY A 24 -8.54 12.49 6.65
CA GLY A 24 -7.47 11.92 7.45
C GLY A 24 -7.93 11.22 8.71
N SER A 25 -9.23 11.21 9.00
CA SER A 25 -9.70 10.74 10.30
C SER A 25 -9.42 9.26 10.51
N ASP A 26 -9.45 8.44 9.46
CA ASP A 26 -9.24 7.00 9.65
C ASP A 26 -7.86 6.53 9.18
N PHE A 27 -6.93 7.45 8.98
CA PHE A 27 -5.53 7.11 8.81
C PHE A 27 -4.90 6.86 10.18
N PRO A 28 -4.09 5.80 10.33
CA PRO A 28 -3.69 4.81 9.34
C PRO A 28 -4.60 3.58 9.36
N CYS A 29 -4.58 2.80 8.28
CA CYS A 29 -5.11 1.44 8.26
C CYS A 29 -6.63 1.34 8.27
N LYS A 30 -7.35 2.44 8.08
CA LYS A 30 -8.81 2.44 8.08
C LYS A 30 -9.32 2.15 9.49
N LEU A 31 -8.96 3.04 10.42
CA LEU A 31 -9.41 2.93 11.80
C LEU A 31 -10.92 2.75 11.82
N ARG A 32 -11.37 1.86 12.71
CA ARG A 32 -12.77 1.48 12.83
C ARG A 32 -12.86 0.51 14.00
N ASP A 33 -14.07 0.10 14.36
N ASP A 33 -14.08 0.10 14.35
CA ASP A 33 -14.24 -0.84 15.46
CA ASP A 33 -14.24 -0.84 15.44
C ASP A 33 -13.49 -2.13 15.17
C ASP A 33 -13.46 -2.13 15.15
N ASN A 34 -12.69 -2.58 16.14
CA ASN A 34 -11.95 -3.83 16.04
C ASN A 34 -11.13 -3.94 14.75
N ALA A 35 -10.29 -2.94 14.51
CA ALA A 35 -9.59 -2.85 13.23
C ALA A 35 -8.34 -3.73 13.14
N PHE A 36 -7.86 -4.29 14.25
CA PHE A 36 -6.50 -4.84 14.33
C PHE A 36 -6.49 -6.26 14.87
N VAL A 37 -7.45 -7.08 14.45
CA VAL A 37 -7.50 -8.49 14.82
C VAL A 37 -6.61 -9.27 13.85
N PRO A 38 -5.58 -9.95 14.32
CA PRO A 38 -4.70 -10.67 13.40
C PRO A 38 -5.45 -11.81 12.71
N PRO A 39 -5.08 -12.12 11.47
CA PRO A 39 -5.57 -13.36 10.86
C PRO A 39 -5.10 -14.56 11.68
N SER A 40 -5.74 -15.69 11.44
CA SER A 40 -5.37 -16.90 12.17
C SER A 40 -3.94 -17.32 11.89
N GLN A 41 -3.61 -17.53 10.62
N GLN A 41 -3.60 -17.49 10.62
CA GLN A 41 -2.27 -17.98 10.30
CA GLN A 41 -2.27 -17.98 10.25
C GLN A 41 -1.28 -16.82 10.34
C GLN A 41 -1.26 -16.84 10.28
N GLU A 42 -0.13 -17.07 10.95
CA GLU A 42 0.93 -16.09 11.00
C GLU A 42 1.58 -15.95 9.63
N THR A 43 1.74 -14.70 9.17
CA THR A 43 2.51 -14.40 7.97
C THR A 43 3.97 -14.24 8.37
N ILE A 44 4.80 -15.19 7.95
CA ILE A 44 6.21 -15.23 8.29
C ILE A 44 6.98 -14.80 7.06
N ALA A 45 7.80 -13.76 7.21
CA ALA A 45 8.65 -13.27 6.13
C ALA A 45 10.09 -13.40 6.59
N GLN A 46 10.82 -14.35 6.00
CA GLN A 46 12.24 -14.45 6.27
C GLN A 46 12.98 -13.33 5.57
N ILE A 47 13.99 -12.79 6.25
CA ILE A 47 14.84 -11.80 5.60
C ILE A 47 15.35 -12.36 4.29
N GLY A 48 15.21 -11.59 3.21
CA GLY A 48 15.66 -11.99 1.90
C GLY A 48 14.66 -12.83 1.11
N GLU A 49 13.55 -13.26 1.71
CA GLU A 49 12.57 -14.08 1.01
C GLU A 49 11.66 -13.19 0.16
N VAL A 50 11.40 -13.62 -1.07
CA VAL A 50 10.46 -12.89 -1.93
C VAL A 50 9.04 -13.26 -1.52
N MET A 51 8.31 -12.27 -0.98
CA MET A 51 6.95 -12.44 -0.46
C MET A 51 5.91 -11.92 -1.43
N PRO A 52 4.74 -12.55 -1.49
CA PRO A 52 3.68 -12.07 -2.39
C PRO A 52 2.98 -10.83 -1.87
N LEU A 53 2.66 -9.93 -2.79
CA LEU A 53 1.77 -8.80 -2.53
C LEU A 53 0.69 -8.87 -3.60
N THR A 54 -0.54 -9.19 -3.18
CA THR A 54 -1.62 -9.41 -4.13
C THR A 54 -2.87 -8.69 -3.64
N PHE A 55 -3.83 -8.52 -4.54
CA PHE A 55 -4.98 -7.66 -4.32
C PHE A 55 -6.28 -8.30 -4.78
N THR A 56 -7.39 -7.76 -4.27
N THR A 56 -7.38 -7.80 -4.23
CA THR A 56 -8.73 -8.17 -4.66
CA THR A 56 -8.71 -8.14 -4.70
C THR A 56 -9.55 -6.94 -5.01
C THR A 56 -9.43 -6.87 -5.12
N GLY A 57 -10.29 -7.01 -6.13
CA GLY A 57 -11.06 -5.91 -6.64
C GLY A 57 -10.81 -5.67 -8.12
N SER A 58 -11.76 -4.98 -8.78
CA SER A 58 -11.64 -4.67 -10.20
C SER A 58 -11.52 -3.19 -10.47
N ALA A 59 -11.81 -2.33 -9.49
CA ALA A 59 -11.79 -0.89 -9.68
C ALA A 59 -10.34 -0.40 -9.48
N THR A 60 -9.52 -0.67 -10.50
CA THR A 60 -8.08 -0.41 -10.48
C THR A 60 -7.70 1.03 -10.81
N HIS A 61 -8.63 1.84 -11.30
CA HIS A 61 -8.39 3.28 -11.49
C HIS A 61 -7.12 3.55 -12.31
N GLY A 62 -6.89 2.74 -13.34
CA GLY A 62 -5.73 2.96 -14.18
C GLY A 62 -4.40 2.71 -13.50
N GLY A 63 -4.42 2.07 -12.33
CA GLY A 63 -3.19 1.79 -11.61
C GLY A 63 -2.79 2.95 -10.75
N GLY A 64 -1.52 3.34 -10.86
CA GLY A 64 -0.95 4.32 -9.95
C GLY A 64 0.31 3.81 -9.29
N SER A 65 0.56 4.25 -8.07
CA SER A 65 1.82 3.98 -7.40
C SER A 65 1.54 3.56 -5.97
N CYS A 66 2.42 2.72 -5.44
CA CYS A 66 2.19 2.11 -4.14
C CYS A 66 3.47 2.07 -3.33
N GLN A 67 3.32 2.03 -2.00
CA GLN A 67 4.43 1.69 -1.13
C GLN A 67 4.08 0.49 -0.26
N VAL A 68 5.14 -0.18 0.20
CA VAL A 68 5.07 -1.20 1.24
C VAL A 68 5.93 -0.68 2.38
N SER A 69 5.34 -0.57 3.58
CA SER A 69 6.03 0.06 4.72
C SER A 69 5.79 -0.78 5.97
N LEU A 70 6.72 -0.66 6.93
CA LEU A 70 6.64 -1.41 8.18
C LEU A 70 6.64 -0.46 9.38
N THR A 71 5.93 -0.85 10.44
CA THR A 71 6.03 -0.19 11.73
C THR A 71 6.09 -1.27 12.81
N THR A 72 6.76 -0.95 13.92
CA THR A 72 6.72 -1.87 15.05
C THR A 72 5.39 -1.82 15.78
N ASP A 73 4.56 -0.81 15.54
CA ASP A 73 3.28 -0.73 16.24
C ASP A 73 2.35 -1.83 15.74
N LEU A 74 1.75 -2.57 16.67
CA LEU A 74 0.81 -3.62 16.30
C LEU A 74 -0.63 -3.15 16.30
N LYS A 75 -0.90 -1.98 16.88
CA LYS A 75 -2.15 -1.27 16.72
C LYS A 75 -1.76 0.13 16.24
N PRO A 76 -1.52 0.30 14.95
CA PRO A 76 -1.01 1.59 14.46
C PRO A 76 -1.98 2.74 14.72
N SER A 77 -1.41 3.92 14.87
CA SER A 77 -2.15 5.15 15.11
C SER A 77 -1.46 6.25 14.32
N LYS A 78 -1.96 7.47 14.46
CA LYS A 78 -1.34 8.59 13.75
C LYS A 78 0.11 8.81 14.18
N ASP A 79 0.48 8.37 15.38
N ASP A 79 0.48 8.37 15.38
CA ASP A 79 1.84 8.56 15.86
CA ASP A 79 1.84 8.55 15.87
C ASP A 79 2.79 7.46 15.40
C ASP A 79 2.79 7.46 15.42
N SER A 80 2.31 6.43 14.74
CA SER A 80 3.18 5.34 14.33
C SER A 80 4.22 5.84 13.33
N LYS A 81 5.46 5.39 13.50
CA LYS A 81 6.53 5.67 12.56
C LYS A 81 6.66 4.52 11.58
N TRP A 82 6.71 4.85 10.30
CA TRP A 82 6.75 3.84 9.25
C TRP A 82 8.08 3.88 8.51
N MET A 83 8.51 2.70 8.07
CA MET A 83 9.73 2.54 7.29
C MET A 83 9.37 1.96 5.93
N VAL A 84 9.62 2.71 4.86
CA VAL A 84 9.32 2.22 3.52
C VAL A 84 10.36 1.19 3.11
N ILE A 85 9.91 0.01 2.71
CA ILE A 85 10.82 -1.00 2.19
C ILE A 85 10.71 -1.21 0.69
N LYS A 86 9.64 -0.74 0.05
CA LYS A 86 9.53 -0.81 -1.41
C LYS A 86 8.60 0.27 -1.91
N SER A 87 8.98 0.88 -3.04
CA SER A 87 8.10 1.79 -3.77
C SER A 87 7.87 1.24 -5.16
N ILE A 88 6.62 1.24 -5.58
CA ILE A 88 6.24 0.83 -6.94
C ILE A 88 5.65 2.05 -7.61
N GLU A 89 6.33 2.56 -8.64
CA GLU A 89 5.93 3.78 -9.32
C GLU A 89 5.38 3.41 -10.69
N GLY A 90 4.05 3.44 -10.80
CA GLY A 90 3.34 3.07 -12.01
C GLY A 90 2.97 1.60 -11.99
N GLY A 91 1.80 1.28 -12.55
CA GLY A 91 1.39 -0.10 -12.73
C GLY A 91 0.93 -0.82 -11.48
N CYS A 92 0.64 -0.09 -10.39
CA CYS A 92 0.18 -0.70 -9.15
C CYS A 92 -1.18 -0.13 -8.78
N PRO A 93 -2.18 -0.96 -8.52
CA PRO A 93 -2.17 -2.42 -8.42
C PRO A 93 -2.45 -3.14 -9.73
N ALA A 94 -2.36 -2.41 -10.84
CA ALA A 94 -2.56 -3.00 -12.17
C ALA A 94 -1.98 -2.03 -13.21
N ASN A 95 -1.44 -2.60 -14.28
CA ASN A 95 -1.02 -1.83 -15.45
C ASN A 95 -2.06 -1.97 -16.56
N VAL A 96 -3.17 -1.25 -16.37
CA VAL A 96 -4.20 -1.09 -17.38
C VAL A 96 -4.59 0.39 -17.38
N ASP A 97 -5.30 0.82 -18.42
CA ASP A 97 -5.60 2.24 -18.48
C ASP A 97 -6.80 2.64 -17.63
N GLY A 98 -7.64 1.69 -17.25
CA GLY A 98 -8.78 2.02 -16.40
C GLY A 98 -9.09 0.96 -15.35
N ASN A 99 -10.32 0.47 -15.39
CA ASN A 99 -10.78 -0.56 -14.46
C ASN A 99 -10.76 -1.92 -15.16
N MET A 100 -10.83 -2.98 -14.36
CA MET A 100 -10.87 -4.34 -14.88
C MET A 100 -12.24 -4.99 -14.69
N SER A 101 -12.38 -6.17 -15.28
CA SER A 101 -13.61 -6.93 -15.15
C SER A 101 -13.60 -7.74 -13.86
N GLY A 102 -14.74 -8.33 -13.56
CA GLY A 102 -14.95 -8.98 -12.29
C GLY A 102 -15.60 -8.05 -11.29
N GLY A 103 -15.96 -8.60 -10.15
CA GLY A 103 -16.62 -7.84 -9.10
C GLY A 103 -15.65 -7.23 -8.11
N ALA A 104 -16.23 -6.69 -7.03
CA ALA A 104 -15.43 -6.17 -5.93
C ALA A 104 -14.53 -7.22 -5.31
N ASP A 105 -14.80 -8.50 -5.55
CA ASP A 105 -14.10 -9.58 -4.87
C ASP A 105 -13.19 -10.38 -5.79
N VAL A 106 -12.99 -9.92 -7.02
CA VAL A 106 -12.19 -10.69 -7.98
C VAL A 106 -10.73 -10.66 -7.57
N PRO A 107 -10.00 -11.77 -7.65
CA PRO A 107 -8.54 -11.71 -7.50
C PRO A 107 -7.91 -10.91 -8.63
N ASP A 108 -7.14 -9.90 -8.27
CA ASP A 108 -6.45 -9.06 -9.27
C ASP A 108 -5.38 -9.89 -9.97
N PRO A 109 -5.44 -10.05 -11.30
CA PRO A 109 -4.42 -10.86 -11.98
C PRO A 109 -3.02 -10.30 -11.89
N PHE A 110 -2.87 -8.99 -11.71
CA PHE A 110 -1.54 -8.38 -11.58
C PHE A 110 -1.07 -8.61 -10.16
N GLU A 111 0.05 -9.32 -10.01
CA GLU A 111 0.62 -9.63 -8.71
C GLU A 111 1.97 -8.96 -8.54
N PHE A 112 2.34 -8.76 -7.28
CA PHE A 112 3.53 -8.02 -6.90
C PHE A 112 4.26 -8.80 -5.81
N ASN A 113 5.35 -8.22 -5.32
CA ASN A 113 6.18 -8.87 -4.33
C ASN A 113 6.93 -7.82 -3.52
N TYR A 114 7.48 -8.26 -2.40
CA TYR A 114 8.38 -7.44 -1.60
C TYR A 114 9.33 -8.37 -0.87
N THR A 115 10.46 -7.83 -0.43
CA THR A 115 11.44 -8.59 0.32
C THR A 115 11.83 -7.79 1.54
N ILE A 116 11.84 -8.43 2.71
CA ILE A 116 12.32 -7.74 3.89
C ILE A 116 13.83 -7.59 3.75
N PRO A 117 14.35 -6.37 3.79
CA PRO A 117 15.78 -6.15 3.57
C PRO A 117 16.62 -6.38 4.83
N ALA A 118 17.93 -6.36 4.63
CA ALA A 118 18.86 -6.74 5.68
C ALA A 118 18.81 -5.83 6.90
N GLY A 119 18.38 -4.58 6.75
CA GLY A 119 18.37 -3.68 7.90
C GLY A 119 17.16 -3.75 8.81
N ILE A 120 16.25 -4.70 8.61
CA ILE A 120 15.06 -4.87 9.45
C ILE A 120 15.33 -6.02 10.40
N GLU A 121 15.22 -5.76 11.70
CA GLU A 121 15.50 -6.80 12.69
C GLU A 121 14.34 -7.79 12.77
N PRO A 122 14.63 -9.06 13.04
CA PRO A 122 13.54 -10.02 13.29
C PRO A 122 12.63 -9.53 14.42
N GLY A 123 11.33 -9.76 14.24
CA GLY A 123 10.34 -9.34 15.20
C GLY A 123 8.98 -9.21 14.54
N LYS A 124 8.01 -8.77 15.36
CA LYS A 124 6.65 -8.55 14.87
C LYS A 124 6.47 -7.12 14.37
N TYR A 125 5.79 -6.98 13.24
CA TYR A 125 5.54 -5.66 12.66
C TYR A 125 4.12 -5.59 12.12
N THR A 126 3.68 -4.38 11.84
CA THR A 126 2.58 -4.16 10.92
C THR A 126 3.15 -3.72 9.57
N LEU A 127 2.67 -4.35 8.50
CA LEU A 127 2.99 -3.98 7.13
C LEU A 127 1.81 -3.20 6.56
N ALA A 128 2.09 -2.05 5.94
CA ALA A 128 1.07 -1.29 5.25
C ALA A 128 1.31 -1.30 3.75
N TRP A 129 0.24 -1.53 3.00
CA TRP A 129 0.19 -1.21 1.59
C TRP A 129 -0.53 0.13 1.44
N THR A 130 0.10 1.08 0.74
CA THR A 130 -0.54 2.34 0.40
C THR A 130 -0.57 2.49 -1.11
N TRP A 131 -1.62 3.14 -1.61
CA TRP A 131 -1.84 3.24 -3.05
C TRP A 131 -2.46 4.57 -3.39
N PHE A 132 -1.88 5.22 -4.39
CA PHE A 132 -2.33 6.50 -4.92
C PHE A 132 -2.86 6.25 -6.34
N ASN A 133 -4.19 6.25 -6.48
CA ASN A 133 -4.82 5.87 -7.75
C ASN A 133 -4.54 6.88 -8.85
N ARG A 134 -4.29 6.37 -10.06
CA ARG A 134 -3.94 7.23 -11.18
C ARG A 134 -5.13 8.05 -11.66
N ILE A 135 -6.27 7.42 -11.89
CA ILE A 135 -7.47 8.07 -12.40
C ILE A 135 -8.53 8.20 -11.31
N GLY A 136 -9.39 9.21 -11.46
CA GLY A 136 -10.47 9.45 -10.54
C GLY A 136 -10.11 10.48 -9.49
N ASN A 137 -10.98 10.61 -8.50
CA ASN A 137 -10.75 11.54 -7.40
C ASN A 137 -9.40 11.28 -6.74
N ARG A 138 -8.83 12.32 -6.15
CA ARG A 138 -7.52 12.22 -5.52
C ARG A 138 -7.67 11.55 -4.16
N GLU A 139 -7.23 10.30 -4.07
N GLU A 139 -7.21 10.30 -4.06
CA GLU A 139 -7.45 9.47 -2.89
CA GLU A 139 -7.45 9.48 -2.87
C GLU A 139 -6.14 8.85 -2.42
C GLU A 139 -6.17 8.78 -2.45
N MET A 140 -6.17 8.28 -1.21
CA MET A 140 -5.09 7.42 -0.74
C MET A 140 -5.74 6.19 -0.16
N TYR A 141 -5.37 5.01 -0.66
CA TYR A 141 -5.84 3.73 -0.16
C TYR A 141 -4.76 3.16 0.76
N MET A 142 -5.19 2.41 1.77
CA MET A 142 -4.27 1.86 2.75
C MET A 142 -4.88 0.67 3.48
N ASN A 143 -4.16 -0.45 3.48
CA ASN A 143 -4.53 -1.61 4.29
C ASN A 143 -3.31 -2.08 5.05
N CYS A 144 -3.55 -2.70 6.21
CA CYS A 144 -2.47 -3.10 7.10
C CYS A 144 -2.61 -4.54 7.51
N ALA A 145 -1.47 -5.21 7.65
CA ALA A 145 -1.41 -6.63 7.94
C ALA A 145 -0.31 -6.90 8.96
N PRO A 146 -0.52 -7.81 9.91
CA PRO A 146 0.59 -8.22 10.77
C PRO A 146 1.53 -9.14 10.01
N ILE A 147 2.83 -8.97 10.22
CA ILE A 147 3.82 -9.93 9.73
C ILE A 147 4.86 -10.17 10.81
N THR A 148 5.48 -11.33 10.78
CA THR A 148 6.60 -11.67 11.65
C THR A 148 7.83 -11.87 10.78
N VAL A 149 8.84 -11.06 11.01
CA VAL A 149 10.10 -11.17 10.28
C VAL A 149 11.01 -12.13 11.02
N THR A 150 11.53 -13.12 10.31
CA THR A 150 12.47 -14.08 10.90
C THR A 150 13.78 -14.05 10.13
N ALA A 151 14.82 -14.58 10.78
CA ALA A 151 16.17 -14.51 10.21
C ALA A 151 16.32 -15.41 8.99
N ASN A 173 17.56 4.96 8.21
CA ASN A 173 17.99 4.03 7.17
C ASN A 173 16.89 3.63 6.18
N PHE A 174 15.64 3.98 6.47
CA PHE A 174 14.54 3.81 5.53
C PHE A 174 13.70 5.08 5.47
N PRO A 175 13.14 5.42 4.31
CA PRO A 175 12.30 6.61 4.22
C PRO A 175 11.04 6.49 5.06
N ALA A 176 10.51 7.64 5.44
CA ALA A 176 9.16 7.67 6.00
C ALA A 176 8.13 7.49 4.89
N MET A 177 6.97 6.95 5.27
N MET A 177 7.00 6.87 5.26
CA MET A 177 5.92 6.61 4.32
CA MET A 177 5.89 6.67 4.35
C MET A 177 5.26 7.86 3.74
C MET A 177 5.49 7.99 3.69
N PHE A 178 5.17 7.91 2.41
CA PHE A 178 4.58 9.06 1.73
C PHE A 178 3.08 9.14 2.06
N VAL A 179 2.63 10.33 2.43
CA VAL A 179 1.24 10.57 2.80
C VAL A 179 0.74 11.74 1.97
N ALA A 180 -0.39 11.55 1.29
CA ALA A 180 -0.99 12.59 0.47
C ALA A 180 -2.49 12.35 0.37
N ASN A 181 -3.19 13.39 -0.11
CA ASN A 181 -4.62 13.33 -0.41
C ASN A 181 -5.52 13.21 0.82
N ILE A 182 -4.93 12.95 1.99
CA ILE A 182 -5.61 13.03 3.26
C ILE A 182 -5.16 14.23 4.08
N ASN A 183 -4.21 15.02 3.53
CA ASN A 183 -3.66 16.27 4.09
C ASN A 183 -3.62 17.36 3.01
N GLY A 184 -2.71 18.34 3.13
CA GLY A 184 -2.59 19.38 2.11
C GLY A 184 -1.85 18.96 0.85
N CYS A 185 -1.04 17.92 0.92
CA CYS A 185 -0.35 17.42 -0.26
C CYS A 185 -1.37 16.71 -1.14
N THR A 186 -1.58 17.23 -2.34
CA THR A 186 -2.59 16.72 -3.26
C THR A 186 -1.89 16.30 -4.54
N THR A 187 -2.16 15.08 -5.00
CA THR A 187 -1.50 14.56 -6.20
C THR A 187 -2.25 14.95 -7.47
N LYS A 188 -1.55 14.84 -8.59
CA LYS A 188 -2.08 15.25 -9.89
C LYS A 188 -2.82 14.09 -10.54
N GLU A 189 -4.03 14.35 -11.02
CA GLU A 189 -4.82 13.31 -11.66
C GLU A 189 -4.17 12.89 -12.97
N GLY A 190 -4.24 11.58 -13.26
CA GLY A 190 -3.83 11.06 -14.53
C GLY A 190 -2.41 10.51 -14.57
N VAL A 191 -1.60 10.75 -13.55
CA VAL A 191 -0.20 10.33 -13.58
C VAL A 191 0.06 9.27 -12.52
N ASP A 192 1.08 8.47 -12.79
CA ASP A 192 1.68 7.57 -11.81
C ASP A 192 2.69 8.38 -11.03
N ILE A 193 2.43 8.61 -9.74
CA ILE A 193 3.28 9.54 -9.02
C ILE A 193 4.63 8.90 -8.71
N ARG A 194 5.64 9.75 -8.54
CA ARG A 194 6.98 9.29 -8.14
C ARG A 194 7.27 9.88 -6.77
N PHE A 195 7.46 9.02 -5.77
CA PHE A 195 7.57 9.51 -4.40
C PHE A 195 8.84 10.34 -4.23
N PRO A 196 8.78 11.42 -3.43
CA PRO A 196 10.00 12.22 -3.24
C PRO A 196 11.16 11.43 -2.65
N ASP A 197 10.89 10.50 -1.73
CA ASP A 197 11.92 9.72 -1.04
C ASP A 197 11.52 8.26 -1.10
N PRO A 198 11.65 7.63 -2.27
CA PRO A 198 11.11 6.27 -2.45
C PRO A 198 11.93 5.16 -1.83
N GLY A 199 13.17 5.43 -1.44
CA GLY A 199 14.06 4.40 -0.92
C GLY A 199 14.92 3.79 -2.01
N ASP A 200 15.66 2.75 -1.62
N ASP A 200 15.67 2.76 -1.62
CA ASP A 200 16.62 2.10 -2.50
CA ASP A 200 16.62 2.10 -2.52
C ASP A 200 16.04 0.93 -3.28
C ASP A 200 16.05 0.86 -3.19
N VAL A 201 14.74 0.65 -3.14
CA VAL A 201 14.07 -0.45 -3.84
C VAL A 201 12.86 0.19 -4.52
N VAL A 202 13.02 0.54 -5.80
CA VAL A 202 12.01 1.24 -6.57
C VAL A 202 11.78 0.46 -7.84
N GLU A 203 10.51 0.16 -8.12
CA GLU A 203 10.14 -0.67 -9.25
C GLU A 203 9.15 0.12 -10.09
N TYR A 204 9.31 0.08 -11.41
CA TYR A 204 8.46 0.79 -12.36
C TYR A 204 7.65 -0.24 -13.12
N ASP A 205 6.36 -0.35 -12.83
CA ASP A 205 5.54 -1.41 -13.42
C ASP A 205 4.49 -0.89 -14.38
N GLY A 206 4.53 0.40 -14.73
CA GLY A 206 3.53 0.99 -15.58
C GLY A 206 4.05 1.39 -16.94
N ASN A 207 3.24 2.16 -17.64
CA ASN A 207 3.64 2.67 -18.95
C ASN A 207 4.44 3.95 -18.77
N PRO A 208 5.59 4.08 -19.42
CA PRO A 208 6.37 5.29 -19.24
C PRO A 208 5.60 6.57 -19.50
N SER A 209 4.62 6.57 -20.40
CA SER A 209 3.93 7.81 -20.73
C SER A 209 3.08 8.34 -19.58
N ASN A 210 2.79 7.53 -18.57
CA ASN A 210 1.99 7.97 -17.42
C ASN A 210 2.84 8.42 -16.23
N LEU A 211 4.13 8.21 -16.26
CA LEU A 211 4.96 8.61 -15.13
C LEU A 211 4.93 10.12 -14.97
N GLN A 212 4.74 10.57 -13.73
CA GLN A 212 4.77 12.00 -13.46
C GLN A 212 6.00 12.64 -14.10
N PRO A 213 5.85 13.69 -14.91
CA PRO A 213 7.01 14.29 -15.58
C PRO A 213 8.07 14.74 -14.59
N ALA A 214 9.32 14.63 -15.04
CA ALA A 214 10.45 15.13 -14.27
C ALA A 214 10.30 16.63 -14.04
N GLY A 215 10.65 17.06 -12.83
CA GLY A 215 10.58 18.46 -12.50
C GLY A 215 9.27 18.89 -11.86
N GLU A 216 8.25 18.03 -11.85
CA GLU A 216 7.05 18.29 -11.06
C GLU A 216 7.15 17.50 -9.76
N ALA A 217 6.74 18.14 -8.66
CA ALA A 217 6.70 17.45 -7.38
C ALA A 217 5.47 16.56 -7.29
N ALA A 218 5.56 15.54 -6.42
CA ALA A 218 4.42 14.65 -6.23
C ALA A 218 3.24 15.38 -5.60
N CYS A 219 3.49 16.37 -4.75
CA CYS A 219 2.45 17.25 -4.22
C CYS A 219 2.45 18.57 -4.98
#